data_8DL4
#
_entry.id   8DL4
#
_cell.length_a   76.392
_cell.length_b   64.379
_cell.length_c   81.003
_cell.angle_alpha   90.000
_cell.angle_beta   98.300
_cell.angle_gamma   90.000
#
_symmetry.space_group_name_H-M   'P 1 21 1'
#
loop_
_entity.id
_entity.type
_entity.pdbx_description
1 polymer 'Lanosterol 14-alpha demethylase'
2 non-polymer 'PROTOPORPHYRIN IX CONTAINING FE'
3 non-polymer 7-(diethylamino)-N-[(2S)-2-(2,4-difluorophenyl)-2-hydroxy-3-(1H-1,2,4-triazol-1-yl)propyl]-2-oxo-2H-1-benzopyran-3-carboxamide
4 non-polymer 'PENTAETHYLENE GLYCOL'
5 non-polymer beta-D-glucopyranose
6 water water
#
_entity_poly.entity_id   1
_entity_poly.type   'polypeptide(L)'
_entity_poly.pdbx_seq_one_letter_code
;MSATKSIVGEALEYVNIGLSHFLALPLAQRISLIIIIPFIYNIVWQLLYSLRKDRPPLVFYWIPWVGSAVVYGMKPYEFF
EECQKKYGDIFSFVLLGRVMTVYLGPKGHEFVFNAKLADVSAEAAYAHLTTPVFGKGVIYDCPNSRLMEQKKFVKGALTK
EAFKSYVPLIAEEVYKYFRDSKNFRLNERTTGTIDVMVTQPEMTIFTASRSLLGKEMRAKLDTDFAYLYSDLDKGFTPIN
FVFPNLPLEHYRKRDHAQKAISGTYMSLIKERRKNNDIQDRDLIDSLMKNSTYKDGVKMTDQEIANLLIGVLMGGQHTSA
ATSAWILLHLAERPDVQQELYEEQMRVLDGGKKELTYDLLQEMPLLNQTIKETLRMHHPLHSLFRKVMKDMHVPNTSYVI
PAGYHVLVSPGYTHLRDEYFPNAHQFNIHRWNNDSASSYSVGEEVDYGFGAISKGVSSPYLPFGGGRHRCIGEHFAYCQL
GVLMSIFIRTLKWHYPEGKTVPPPDFTSMVTLPTGPAKIIWEKRNPEQKIGGRHHHHHH
;
_entity_poly.pdbx_strand_id   A
#
# COMPACT_ATOMS: atom_id res chain seq x y z
N VAL A 8 31.55 -26.95 -43.84
CA VAL A 8 30.33 -26.82 -43.06
C VAL A 8 29.80 -28.20 -42.63
N GLY A 9 29.69 -29.11 -43.59
CA GLY A 9 29.27 -30.46 -43.25
C GLY A 9 30.15 -31.12 -42.22
N GLU A 10 31.48 -30.95 -42.34
CA GLU A 10 32.36 -31.48 -41.32
C GLU A 10 32.19 -30.75 -39.99
N ALA A 11 31.89 -29.45 -40.03
CA ALA A 11 31.66 -28.71 -38.80
C ALA A 11 30.41 -29.20 -38.08
N LEU A 12 29.33 -29.42 -38.82
CA LEU A 12 28.11 -29.94 -38.21
C LEU A 12 28.30 -31.34 -37.63
N GLU A 13 29.20 -32.14 -38.23
CA GLU A 13 29.53 -33.43 -37.61
C GLU A 13 30.22 -33.23 -36.28
N TYR A 14 31.13 -32.26 -36.19
CA TYR A 14 31.84 -32.07 -34.94
C TYR A 14 30.96 -31.42 -33.89
N VAL A 15 29.90 -30.72 -34.29
CA VAL A 15 28.91 -30.29 -33.31
C VAL A 15 28.24 -31.49 -32.65
N ASN A 16 27.77 -32.44 -33.47
CA ASN A 16 27.17 -33.65 -32.89
C ASN A 16 28.18 -34.40 -32.04
N ILE A 17 29.43 -34.49 -32.52
CA ILE A 17 30.49 -35.11 -31.73
C ILE A 17 30.73 -34.35 -30.43
N GLY A 18 30.82 -33.01 -30.51
CA GLY A 18 30.94 -32.21 -29.31
C GLY A 18 29.81 -32.44 -28.33
N LEU A 19 28.58 -32.55 -28.85
CA LEU A 19 27.43 -32.82 -28.00
C LEU A 19 27.57 -34.14 -27.26
N SER A 20 28.17 -35.14 -27.90
CA SER A 20 28.27 -36.43 -27.22
C SER A 20 29.45 -36.45 -26.25
N HIS A 21 30.55 -35.76 -26.59
CA HIS A 21 31.67 -35.69 -25.66
C HIS A 21 31.29 -34.94 -24.39
N PHE A 22 30.41 -33.94 -24.52
CA PHE A 22 29.89 -33.26 -23.34
C PHE A 22 29.36 -34.25 -22.33
N LEU A 23 28.68 -35.30 -22.79
CA LEU A 23 28.08 -36.26 -21.89
C LEU A 23 29.09 -37.27 -21.34
N ALA A 24 30.22 -37.47 -22.01
CA ALA A 24 31.32 -38.25 -21.46
C ALA A 24 32.15 -37.47 -20.42
N LEU A 25 31.76 -36.21 -20.11
CA LEU A 25 32.50 -35.45 -19.10
C LEU A 25 32.18 -35.96 -17.69
N PRO A 26 33.16 -35.92 -16.78
CA PRO A 26 32.86 -36.26 -15.38
C PRO A 26 31.73 -35.40 -14.85
N LEU A 27 30.81 -36.03 -14.12
CA LEU A 27 29.58 -35.37 -13.68
C LEU A 27 29.84 -34.06 -12.95
N ALA A 28 30.96 -33.97 -12.22
CA ALA A 28 31.32 -32.71 -11.58
C ALA A 28 31.61 -31.63 -12.60
N GLN A 29 32.37 -31.98 -13.66
CA GLN A 29 32.66 -31.02 -14.70
C GLN A 29 31.41 -30.66 -15.50
N ARG A 30 30.43 -31.56 -15.52
CA ARG A 30 29.20 -31.31 -16.28
C ARG A 30 28.34 -30.28 -15.57
N ILE A 31 28.10 -30.46 -14.26
CA ILE A 31 27.31 -29.50 -13.50
C ILE A 31 28.03 -28.16 -13.43
N SER A 32 29.36 -28.17 -13.42
CA SER A 32 30.12 -26.93 -13.50
C SER A 32 29.79 -26.19 -14.80
N LEU A 33 29.82 -26.91 -15.92
CA LEU A 33 29.46 -26.28 -17.19
C LEU A 33 28.00 -25.87 -17.23
N ILE A 34 27.13 -26.61 -16.54
CA ILE A 34 25.73 -26.24 -16.45
C ILE A 34 25.56 -24.90 -15.73
N ILE A 35 26.52 -24.53 -14.89
CA ILE A 35 26.49 -23.25 -14.16
C ILE A 35 27.27 -22.18 -14.89
N ILE A 36 28.49 -22.48 -15.31
CA ILE A 36 29.36 -21.43 -15.87
C ILE A 36 28.84 -20.95 -17.22
N ILE A 37 28.13 -21.80 -17.96
CA ILE A 37 27.70 -21.44 -19.31
C ILE A 37 26.61 -20.37 -19.26
N PRO A 38 25.56 -20.51 -18.44
CA PRO A 38 24.60 -19.40 -18.32
C PRO A 38 25.20 -18.12 -17.76
N PHE A 39 26.15 -18.21 -16.81
CA PHE A 39 26.83 -17.02 -16.33
C PHE A 39 27.51 -16.28 -17.48
N ILE A 40 28.33 -16.99 -18.25
CA ILE A 40 29.07 -16.35 -19.34
C ILE A 40 28.10 -15.82 -20.38
N TYR A 41 27.07 -16.61 -20.72
CA TYR A 41 26.13 -16.17 -21.74
C TYR A 41 25.34 -14.95 -21.29
N ASN A 42 25.03 -14.87 -19.99
CA ASN A 42 24.31 -13.71 -19.47
C ASN A 42 25.12 -12.44 -19.67
N ILE A 43 26.41 -12.48 -19.37
CA ILE A 43 27.28 -11.33 -19.61
C ILE A 43 27.31 -11.00 -21.10
N VAL A 44 27.54 -12.00 -21.94
CA VAL A 44 27.55 -11.78 -23.38
C VAL A 44 26.23 -11.17 -23.84
N TRP A 45 25.12 -11.68 -23.31
CA TRP A 45 23.81 -11.17 -23.72
C TRP A 45 23.64 -9.70 -23.32
N GLN A 46 24.07 -9.33 -22.11
CA GLN A 46 23.97 -7.95 -21.69
C GLN A 46 24.83 -7.04 -22.54
N LEU A 47 26.05 -7.47 -22.87
CA LEU A 47 26.92 -6.64 -23.70
C LEU A 47 26.28 -6.40 -25.06
N LEU A 48 25.69 -7.44 -25.66
CA LEU A 48 24.99 -7.26 -26.93
C LEU A 48 23.74 -6.39 -26.75
N TYR A 49 23.07 -6.52 -25.61
CA TYR A 49 21.84 -5.76 -25.38
C TYR A 49 22.13 -4.27 -25.25
N SER A 50 23.24 -3.91 -24.60
CA SER A 50 23.61 -2.50 -24.46
C SER A 50 23.80 -1.82 -25.82
N LEU A 51 24.03 -2.60 -26.88
CA LEU A 51 24.11 -2.02 -28.22
C LEU A 51 22.75 -1.52 -28.71
N ARG A 52 21.67 -2.12 -28.22
CA ARG A 52 20.33 -1.80 -28.73
C ARG A 52 19.96 -0.36 -28.41
N LYS A 53 19.46 0.35 -29.41
CA LYS A 53 19.04 1.73 -29.24
C LYS A 53 17.53 1.90 -29.09
N ASP A 54 16.75 0.87 -29.41
CA ASP A 54 15.33 0.86 -29.13
C ASP A 54 15.01 0.29 -27.75
N ARG A 55 16.00 0.18 -26.88
CA ARG A 55 15.81 -0.33 -25.54
C ARG A 55 16.46 0.63 -24.54
N PRO A 56 15.78 0.95 -23.45
CA PRO A 56 16.41 1.73 -22.38
C PRO A 56 17.62 0.99 -21.83
N PRO A 57 18.57 1.72 -21.24
CA PRO A 57 19.73 1.04 -20.62
C PRO A 57 19.27 0.02 -19.59
N LEU A 58 19.98 -1.11 -19.55
CA LEU A 58 19.71 -2.19 -18.62
C LEU A 58 20.81 -2.24 -17.57
N VAL A 59 20.42 -2.19 -16.30
CA VAL A 59 21.38 -2.22 -15.20
C VAL A 59 22.16 -3.53 -15.25
N PHE A 60 23.49 -3.43 -15.27
CA PHE A 60 24.32 -4.63 -15.33
C PHE A 60 24.18 -5.43 -14.03
N TYR A 61 24.20 -6.76 -14.16
CA TYR A 61 24.06 -7.66 -13.02
C TYR A 61 24.83 -8.94 -13.29
N TRP A 62 25.35 -9.55 -12.23
CA TRP A 62 26.26 -10.69 -12.38
C TRP A 62 25.54 -12.03 -12.37
N ILE A 63 24.49 -12.16 -11.58
CA ILE A 63 23.83 -13.44 -11.34
C ILE A 63 22.63 -13.56 -12.27
N PRO A 64 22.59 -14.54 -13.17
CA PRO A 64 21.42 -14.71 -14.04
C PRO A 64 20.16 -14.96 -13.23
N TRP A 65 19.04 -14.49 -13.80
CA TRP A 65 17.71 -14.60 -13.20
C TRP A 65 17.54 -13.73 -11.96
N VAL A 66 18.46 -13.86 -10.99
CA VAL A 66 18.35 -13.06 -9.77
C VAL A 66 18.35 -11.57 -10.09
N GLY A 67 19.29 -11.14 -10.94
CA GLY A 67 19.38 -9.74 -11.31
C GLY A 67 19.76 -8.85 -10.13
N SER A 68 19.19 -7.63 -10.13
CA SER A 68 19.45 -6.66 -9.07
C SER A 68 18.51 -6.83 -7.88
N ALA A 69 18.01 -8.05 -7.63
CA ALA A 69 16.96 -8.24 -6.64
C ALA A 69 17.40 -7.82 -5.24
N VAL A 70 18.67 -8.04 -4.90
CA VAL A 70 19.11 -7.77 -3.54
C VAL A 70 19.16 -6.27 -3.27
N VAL A 71 19.84 -5.51 -4.13
CA VAL A 71 19.99 -4.08 -3.89
C VAL A 71 18.64 -3.37 -4.07
N TYR A 72 17.82 -3.81 -5.03
CA TYR A 72 16.51 -3.21 -5.21
C TYR A 72 15.59 -3.58 -4.06
N GLY A 73 15.64 -4.83 -3.61
CA GLY A 73 14.79 -5.25 -2.51
C GLY A 73 15.07 -4.49 -1.23
N MET A 74 16.34 -4.23 -0.93
CA MET A 74 16.69 -3.67 0.38
C MET A 74 16.65 -2.15 0.40
N LYS A 75 17.04 -1.49 -0.68
CA LYS A 75 17.10 -0.03 -0.71
C LYS A 75 16.73 0.47 -2.10
N PRO A 76 15.46 0.31 -2.50
CA PRO A 76 15.07 0.66 -3.87
C PRO A 76 15.29 2.11 -4.22
N TYR A 77 15.10 3.04 -3.28
CA TYR A 77 15.30 4.45 -3.63
C TYR A 77 16.79 4.76 -3.86
N GLU A 78 17.67 4.18 -3.04
CA GLU A 78 19.10 4.37 -3.28
C GLU A 78 19.51 3.72 -4.58
N PHE A 79 18.93 2.55 -4.88
CA PHE A 79 19.13 1.91 -6.16
C PHE A 79 18.67 2.81 -7.31
N PHE A 80 17.46 3.37 -7.19
CA PHE A 80 16.95 4.26 -8.23
C PHE A 80 17.84 5.48 -8.40
N GLU A 81 18.29 6.07 -7.30
CA GLU A 81 19.11 7.28 -7.40
C GLU A 81 20.43 7.01 -8.11
N GLU A 82 21.06 5.88 -7.83
CA GLU A 82 22.31 5.54 -8.50
C GLU A 82 22.07 5.27 -9.99
N CYS A 83 21.00 4.54 -10.32
CA CYS A 83 20.68 4.27 -11.71
C CYS A 83 20.34 5.57 -12.45
N GLN A 84 19.66 6.50 -11.77
CA GLN A 84 19.29 7.76 -12.39
C GLN A 84 20.52 8.58 -12.78
N LYS A 85 21.51 8.66 -11.88
CA LYS A 85 22.73 9.40 -12.19
C LYS A 85 23.44 8.81 -13.40
N LYS A 86 23.46 7.48 -13.49
CA LYS A 86 24.20 6.78 -14.53
C LYS A 86 23.45 6.80 -15.86
N TYR A 87 22.13 6.58 -15.82
CA TYR A 87 21.36 6.30 -17.04
C TYR A 87 20.25 7.30 -17.34
N GLY A 88 19.91 8.21 -16.44
CA GLY A 88 18.75 9.05 -16.63
C GLY A 88 17.48 8.43 -16.05
N ASP A 89 16.34 8.97 -16.49
CA ASP A 89 15.05 8.68 -15.85
C ASP A 89 14.42 7.36 -16.27
N ILE A 90 14.85 6.79 -17.38
CA ILE A 90 14.29 5.53 -17.90
C ILE A 90 15.40 4.50 -17.96
N PHE A 91 15.18 3.35 -17.34
CA PHE A 91 16.16 2.28 -17.32
C PHE A 91 15.45 1.01 -16.88
N SER A 92 16.06 -0.12 -17.22
CA SER A 92 15.51 -1.43 -16.91
C SER A 92 16.44 -2.19 -15.99
N PHE A 93 15.88 -3.15 -15.25
CA PHE A 93 16.70 -4.03 -14.44
C PHE A 93 16.00 -5.38 -14.30
N VAL A 94 16.79 -6.41 -14.08
CA VAL A 94 16.28 -7.77 -13.98
C VAL A 94 15.95 -8.06 -12.52
N LEU A 95 14.79 -8.66 -12.29
CA LEU A 95 14.30 -8.92 -10.94
C LEU A 95 13.65 -10.30 -10.91
N LEU A 96 14.39 -11.28 -10.38
CA LEU A 96 13.89 -12.64 -10.21
C LEU A 96 13.24 -13.16 -11.49
N GLY A 97 13.93 -12.96 -12.61
CA GLY A 97 13.48 -13.47 -13.89
C GLY A 97 12.60 -12.52 -14.68
N ARG A 98 12.21 -11.38 -14.11
CA ARG A 98 11.45 -10.38 -14.84
C ARG A 98 12.38 -9.24 -15.26
N VAL A 99 12.04 -8.60 -16.38
CA VAL A 99 12.69 -7.35 -16.76
C VAL A 99 11.75 -6.22 -16.35
N MET A 100 12.23 -5.34 -15.48
CA MET A 100 11.46 -4.21 -14.97
C MET A 100 11.98 -2.94 -15.60
N THR A 101 11.13 -2.23 -16.34
CA THR A 101 11.48 -0.93 -16.90
C THR A 101 10.93 0.18 -16.01
N VAL A 102 11.83 0.92 -15.39
CA VAL A 102 11.50 2.03 -14.49
C VAL A 102 11.45 3.33 -15.27
N TYR A 103 10.47 4.17 -14.96
CA TYR A 103 10.39 5.52 -15.53
C TYR A 103 10.18 6.48 -14.37
N LEU A 104 11.25 7.16 -13.95
CA LEU A 104 11.23 8.03 -12.79
C LEU A 104 10.62 9.39 -13.12
N GLY A 105 9.98 9.98 -12.13
CA GLY A 105 9.54 11.35 -12.20
C GLY A 105 8.19 11.51 -12.87
N PRO A 106 7.72 12.76 -12.95
CA PRO A 106 6.37 13.04 -13.47
C PRO A 106 6.07 12.44 -14.84
N LYS A 107 7.05 12.41 -15.76
CA LYS A 107 6.79 11.79 -17.05
C LYS A 107 6.60 10.29 -16.91
N GLY A 108 7.27 9.68 -15.92
CA GLY A 108 7.05 8.26 -15.65
C GLY A 108 5.70 8.00 -15.02
N HIS A 109 5.25 8.90 -14.12
CA HIS A 109 3.89 8.81 -13.60
C HIS A 109 2.90 8.76 -14.75
N GLU A 110 3.12 9.61 -15.74
CA GLU A 110 2.23 9.72 -16.88
C GLU A 110 2.31 8.46 -17.75
N PHE A 111 3.54 7.96 -17.96
CA PHE A 111 3.73 6.80 -18.84
C PHE A 111 3.07 5.54 -18.27
N VAL A 112 3.08 5.36 -16.95
CA VAL A 112 2.59 4.13 -16.35
C VAL A 112 1.15 4.28 -15.88
N PHE A 113 0.86 5.30 -15.05
CA PHE A 113 -0.48 5.44 -14.49
C PHE A 113 -1.52 5.73 -15.57
N ASN A 114 -1.15 6.44 -16.63
CA ASN A 114 -2.08 6.73 -17.73
C ASN A 114 -1.88 5.82 -18.94
N ALA A 115 -1.09 4.76 -18.81
CA ALA A 115 -0.99 3.80 -19.91
C ALA A 115 -2.35 3.26 -20.32
N LYS A 116 -2.52 3.04 -21.62
CA LYS A 116 -3.77 2.49 -22.14
C LYS A 116 -4.04 1.10 -21.57
N LEU A 117 -5.32 0.82 -21.35
CA LEU A 117 -5.73 -0.49 -20.85
C LEU A 117 -5.14 -1.63 -21.66
N ALA A 118 -5.13 -1.50 -22.99
CA ALA A 118 -4.63 -2.59 -23.82
C ALA A 118 -3.12 -2.73 -23.74
N ASP A 119 -2.42 -1.70 -23.25
CA ASP A 119 -0.96 -1.74 -23.25
C ASP A 119 -0.41 -2.47 -22.02
N VAL A 120 -1.04 -2.30 -20.84
CA VAL A 120 -0.49 -2.85 -19.60
C VAL A 120 -1.59 -3.53 -18.80
N SER A 121 -1.17 -4.38 -17.86
CA SER A 121 -2.11 -5.13 -17.04
C SER A 121 -1.62 -5.11 -15.60
N ALA A 122 -2.40 -4.49 -14.72
CA ALA A 122 -2.07 -4.58 -13.30
C ALA A 122 -2.36 -5.99 -12.75
N GLU A 123 -3.47 -6.63 -13.17
CA GLU A 123 -3.81 -7.90 -12.53
C GLU A 123 -2.82 -9.00 -12.90
N ALA A 124 -2.16 -8.90 -14.05
CA ALA A 124 -1.09 -9.84 -14.39
C ALA A 124 0.13 -9.64 -13.49
N ALA A 125 0.34 -8.42 -13.00
CA ALA A 125 1.44 -8.18 -12.08
C ALA A 125 1.11 -8.63 -10.66
N TYR A 126 -0.15 -8.51 -10.24
CA TYR A 126 -0.49 -8.57 -8.83
C TYR A 126 -1.30 -9.78 -8.41
N ALA A 127 -1.83 -10.58 -9.35
CA ALA A 127 -2.81 -11.62 -8.99
C ALA A 127 -2.26 -12.60 -7.95
N HIS A 128 -1.00 -13.01 -8.08
CA HIS A 128 -0.46 -13.95 -7.10
C HIS A 128 -0.16 -13.27 -5.77
N LEU A 129 0.04 -11.95 -5.77
CA LEU A 129 0.27 -11.25 -4.53
C LEU A 129 -0.97 -11.26 -3.64
N THR A 130 -2.15 -11.01 -4.22
CA THR A 130 -3.36 -10.72 -3.44
C THR A 130 -4.41 -11.83 -3.47
N THR A 131 -4.64 -12.50 -4.60
CA THR A 131 -5.69 -13.50 -4.65
C THR A 131 -5.58 -14.60 -3.58
N PRO A 132 -4.40 -15.13 -3.25
CA PRO A 132 -4.36 -16.14 -2.18
C PRO A 132 -4.72 -15.59 -0.83
N VAL A 133 -4.73 -14.26 -0.65
CA VAL A 133 -5.10 -13.66 0.62
C VAL A 133 -6.57 -13.27 0.64
N PHE A 134 -7.05 -12.60 -0.40
CA PHE A 134 -8.42 -12.09 -0.38
C PHE A 134 -9.43 -13.15 -0.75
N GLY A 135 -9.08 -14.06 -1.65
CA GLY A 135 -10.02 -14.99 -2.22
C GLY A 135 -10.29 -14.68 -3.68
N LYS A 136 -11.08 -15.54 -4.31
CA LYS A 136 -11.24 -15.50 -5.75
C LYS A 136 -12.29 -14.49 -6.21
N GLY A 137 -12.16 -14.10 -7.48
CA GLY A 137 -13.19 -13.36 -8.18
C GLY A 137 -13.20 -11.85 -8.00
N VAL A 138 -12.26 -11.28 -7.23
CA VAL A 138 -12.28 -9.85 -6.94
C VAL A 138 -10.88 -9.25 -7.06
N ILE A 139 -10.84 -7.93 -7.21
CA ILE A 139 -9.62 -7.11 -7.23
C ILE A 139 -8.76 -7.46 -8.43
N TYR A 140 -7.79 -8.36 -8.27
CA TYR A 140 -6.92 -8.75 -9.38
C TYR A 140 -7.22 -10.16 -9.89
N ASP A 141 -8.16 -10.87 -9.28
CA ASP A 141 -8.62 -12.16 -9.81
C ASP A 141 -9.86 -12.01 -10.69
N CYS A 142 -9.89 -10.99 -11.55
CA CYS A 142 -11.00 -10.73 -12.44
C CYS A 142 -10.53 -9.74 -13.51
N PRO A 143 -11.29 -9.57 -14.60
CA PRO A 143 -10.91 -8.57 -15.60
C PRO A 143 -10.96 -7.16 -15.05
N ASN A 144 -10.29 -6.24 -15.78
CA ASN A 144 -10.21 -4.86 -15.32
C ASN A 144 -11.59 -4.23 -15.18
N SER A 145 -12.53 -4.60 -16.06
CA SER A 145 -13.84 -3.97 -16.01
C SER A 145 -14.59 -4.36 -14.74
N ARG A 146 -14.35 -5.56 -14.23
CA ARG A 146 -14.97 -5.95 -12.97
C ARG A 146 -14.35 -5.17 -11.81
N LEU A 147 -13.02 -5.03 -11.82
CA LEU A 147 -12.35 -4.20 -10.82
C LEU A 147 -12.90 -2.78 -10.78
N MET A 148 -13.02 -2.15 -11.95
CA MET A 148 -13.56 -0.78 -11.99
C MET A 148 -14.90 -0.71 -11.27
N GLU A 149 -15.78 -1.67 -11.50
CA GLU A 149 -17.09 -1.62 -10.87
C GLU A 149 -17.04 -1.98 -9.39
N GLN A 150 -16.17 -2.92 -9.01
CA GLN A 150 -15.97 -3.15 -7.58
C GLN A 150 -15.54 -1.88 -6.85
N LYS A 151 -14.64 -1.11 -7.47
CA LYS A 151 -14.24 0.17 -6.89
C LYS A 151 -15.43 1.11 -6.77
N LYS A 152 -16.29 1.14 -7.79
CA LYS A 152 -17.51 1.94 -7.71
C LYS A 152 -18.41 1.48 -6.57
N PHE A 153 -18.62 0.16 -6.44
CA PHE A 153 -19.46 -0.33 -5.35
C PHE A 153 -18.93 0.12 -3.99
N VAL A 154 -17.62 -0.05 -3.77
CA VAL A 154 -17.05 0.29 -2.47
C VAL A 154 -17.15 1.79 -2.20
N LYS A 155 -16.88 2.60 -3.23
CA LYS A 155 -16.99 4.06 -3.11
C LYS A 155 -18.35 4.54 -2.68
N GLY A 156 -19.41 3.75 -2.91
CA GLY A 156 -20.74 4.13 -2.46
C GLY A 156 -20.91 4.11 -0.97
N ALA A 157 -20.06 3.40 -0.25
CA ALA A 157 -20.02 3.51 1.20
C ALA A 157 -19.00 4.53 1.67
N LEU A 158 -18.36 5.23 0.75
CA LEU A 158 -17.32 6.19 1.11
C LEU A 158 -17.77 7.59 0.70
N THR A 159 -19.00 7.95 1.06
CA THR A 159 -19.55 9.27 0.80
C THR A 159 -19.28 10.21 1.97
N LYS A 160 -19.46 11.51 1.72
CA LYS A 160 -19.32 12.49 2.81
C LYS A 160 -20.27 12.16 3.96
N GLU A 161 -21.49 11.69 3.64
CA GLU A 161 -22.44 11.35 4.69
CA GLU A 161 -22.42 11.36 4.71
C GLU A 161 -21.97 10.13 5.47
N ALA A 162 -21.35 9.16 4.79
CA ALA A 162 -20.77 8.03 5.51
C ALA A 162 -19.69 8.51 6.48
N PHE A 163 -18.80 9.39 6.01
CA PHE A 163 -17.71 9.88 6.87
C PHE A 163 -18.27 10.63 8.07
N LYS A 164 -19.34 11.40 7.89
CA LYS A 164 -19.97 12.06 9.04
C LYS A 164 -20.39 11.05 10.08
N SER A 165 -20.91 9.90 9.65
CA SER A 165 -21.31 8.90 10.63
C SER A 165 -20.11 8.11 11.16
N TYR A 166 -19.04 7.97 10.37
CA TYR A 166 -17.89 7.20 10.85
C TYR A 166 -17.10 7.94 11.94
N VAL A 167 -17.02 9.27 11.86
CA VAL A 167 -16.16 10.00 12.80
C VAL A 167 -16.43 9.65 14.26
N PRO A 168 -17.67 9.73 14.77
CA PRO A 168 -17.87 9.35 16.18
C PRO A 168 -17.59 7.89 16.47
N LEU A 169 -17.83 7.00 15.50
CA LEU A 169 -17.54 5.58 15.72
C LEU A 169 -16.04 5.35 15.84
N ILE A 170 -15.27 5.98 14.96
CA ILE A 170 -13.82 5.87 15.01
C ILE A 170 -13.29 6.50 16.30
N ALA A 171 -13.84 7.66 16.67
CA ALA A 171 -13.43 8.31 17.92
C ALA A 171 -13.70 7.40 19.11
N GLU A 172 -14.89 6.80 19.14
CA GLU A 172 -15.21 5.83 20.20
C GLU A 172 -14.17 4.73 20.29
N GLU A 173 -13.76 4.17 19.14
CA GLU A 173 -12.78 3.06 19.17
C GLU A 173 -11.42 3.53 19.67
N VAL A 174 -10.99 4.74 19.31
CA VAL A 174 -9.71 5.24 19.79
C VAL A 174 -9.75 5.38 21.30
N TYR A 175 -10.80 6.01 21.83
CA TYR A 175 -10.93 6.15 23.28
C TYR A 175 -11.02 4.78 23.95
N LYS A 176 -11.76 3.84 23.35
CA LYS A 176 -11.83 2.49 23.92
C LYS A 176 -10.44 1.86 23.98
N TYR A 177 -9.65 2.03 22.92
CA TYR A 177 -8.30 1.48 22.92
C TYR A 177 -7.43 2.14 24.00
N PHE A 178 -7.51 3.47 24.12
CA PHE A 178 -6.78 4.16 25.18
C PHE A 178 -7.19 3.62 26.55
N ARG A 179 -8.47 3.30 26.73
CA ARG A 179 -8.96 2.84 28.02
C ARG A 179 -8.56 1.40 28.30
N ASP A 180 -8.71 0.50 27.31
CA ASP A 180 -8.65 -0.94 27.55
C ASP A 180 -7.34 -1.60 27.15
N SER A 181 -6.64 -1.09 26.14
CA SER A 181 -5.43 -1.75 25.67
C SER A 181 -4.37 -1.75 26.77
N LYS A 182 -3.67 -2.89 26.93
CA LYS A 182 -2.53 -2.95 27.82
C LYS A 182 -1.45 -1.95 27.44
N ASN A 183 -1.45 -1.48 26.19
CA ASN A 183 -0.43 -0.52 25.79
C ASN A 183 -0.67 0.86 26.38
N PHE A 184 -1.90 1.14 26.80
CA PHE A 184 -2.25 2.46 27.35
C PHE A 184 -2.83 2.34 28.77
N ARG A 185 -4.08 1.95 28.92
CA ARG A 185 -4.77 1.93 30.23
C ARG A 185 -4.71 3.31 30.88
N LEU A 186 -5.29 4.29 30.19
CA LEU A 186 -5.13 5.69 30.60
C LEU A 186 -5.82 5.99 31.92
N ASN A 187 -6.78 5.16 32.33
CA ASN A 187 -7.42 5.37 33.62
C ASN A 187 -6.53 4.93 34.77
N GLU A 188 -5.50 4.12 34.49
CA GLU A 188 -4.60 3.60 35.50
C GLU A 188 -3.15 4.04 35.38
N ARG A 189 -2.73 4.55 34.21
CA ARG A 189 -1.34 4.89 33.95
C ARG A 189 -1.29 6.26 33.31
N THR A 190 -0.37 7.11 33.76
CA THR A 190 -0.24 8.44 33.16
C THR A 190 0.91 8.52 32.16
N THR A 191 1.75 7.50 32.09
CA THR A 191 2.84 7.51 31.13
C THR A 191 3.22 6.07 30.86
N GLY A 192 3.73 5.82 29.65
CA GLY A 192 4.11 4.48 29.29
C GLY A 192 4.92 4.49 28.01
N THR A 193 5.46 3.33 27.68
CA THR A 193 6.21 3.12 26.45
C THR A 193 5.44 2.16 25.56
N ILE A 194 5.35 2.49 24.26
CA ILE A 194 4.70 1.62 23.29
C ILE A 194 5.61 1.41 22.09
N ASP A 195 5.41 0.27 21.45
CA ASP A 195 5.90 -0.01 20.11
C ASP A 195 4.79 0.38 19.15
N VAL A 196 5.05 1.37 18.28
CA VAL A 196 3.98 1.86 17.42
C VAL A 196 3.59 0.84 16.35
N MET A 197 4.47 -0.10 16.01
CA MET A 197 4.07 -1.18 15.10
C MET A 197 3.34 -2.30 15.83
N VAL A 198 3.12 -2.15 17.13
CA VAL A 198 2.11 -2.93 17.84
C VAL A 198 0.80 -2.17 17.93
N THR A 199 0.84 -0.93 18.44
CA THR A 199 -0.40 -0.19 18.68
C THR A 199 -1.10 0.20 17.39
N GLN A 200 -0.36 0.59 16.36
CA GLN A 200 -1.07 1.19 15.23
C GLN A 200 -1.80 0.14 14.40
N PRO A 201 -1.24 -1.04 14.13
CA PRO A 201 -2.06 -2.07 13.47
C PRO A 201 -3.32 -2.41 14.26
N GLU A 202 -3.24 -2.44 15.59
CA GLU A 202 -4.43 -2.77 16.38
C GLU A 202 -5.45 -1.65 16.32
N MET A 203 -5.00 -0.40 16.46
CA MET A 203 -5.95 0.72 16.39
C MET A 203 -6.56 0.82 15.00
N THR A 204 -5.77 0.51 13.97
CA THR A 204 -6.28 0.61 12.61
C THR A 204 -7.37 -0.42 12.34
N ILE A 205 -7.17 -1.67 12.76
CA ILE A 205 -8.19 -2.68 12.46
C ILE A 205 -9.44 -2.42 13.32
N PHE A 206 -9.25 -1.99 14.58
CA PHE A 206 -10.40 -1.68 15.42
C PHE A 206 -11.24 -0.56 14.82
N THR A 207 -10.60 0.55 14.42
CA THR A 207 -11.36 1.67 13.86
C THR A 207 -11.95 1.34 12.48
N ALA A 208 -11.19 0.64 11.64
CA ALA A 208 -11.69 0.33 10.29
C ALA A 208 -12.79 -0.74 10.32
N SER A 209 -12.63 -1.77 11.16
CA SER A 209 -13.67 -2.79 11.19
C SER A 209 -14.98 -2.20 11.73
N ARG A 210 -14.90 -1.36 12.77
CA ARG A 210 -16.11 -0.77 13.32
C ARG A 210 -16.84 0.11 12.30
N SER A 211 -16.09 0.92 11.54
CA SER A 211 -16.74 1.87 10.65
C SER A 211 -17.12 1.23 9.32
N LEU A 212 -16.18 0.52 8.68
CA LEU A 212 -16.49 -0.07 7.38
C LEU A 212 -17.24 -1.39 7.50
N LEU A 213 -16.83 -2.28 8.40
CA LEU A 213 -17.51 -3.58 8.45
C LEU A 213 -18.76 -3.56 9.30
N GLY A 214 -18.77 -2.78 10.36
CA GLY A 214 -19.95 -2.55 11.18
C GLY A 214 -19.81 -3.15 12.56
N LYS A 215 -20.88 -2.99 13.33
CA LYS A 215 -20.85 -3.33 14.76
C LYS A 215 -20.62 -4.82 14.98
N GLU A 216 -21.26 -5.66 14.17
CA GLU A 216 -21.15 -7.11 14.35
C GLU A 216 -19.72 -7.58 14.13
N MET A 217 -19.08 -7.13 13.05
CA MET A 217 -17.73 -7.59 12.77
C MET A 217 -16.72 -7.00 13.75
N ARG A 218 -16.93 -5.76 14.20
CA ARG A 218 -16.08 -5.25 15.26
C ARG A 218 -16.19 -6.13 16.51
N ALA A 219 -17.42 -6.54 16.85
CA ALA A 219 -17.61 -7.41 18.01
C ALA A 219 -16.77 -8.68 17.92
N LYS A 220 -16.62 -9.23 16.71
CA LYS A 220 -15.87 -10.46 16.57
C LYS A 220 -14.42 -10.31 17.01
N LEU A 221 -13.89 -9.08 16.95
CA LEU A 221 -12.51 -8.86 17.34
C LEU A 221 -12.30 -8.92 18.84
N ASP A 222 -13.37 -8.97 19.64
CA ASP A 222 -13.26 -9.19 21.07
C ASP A 222 -13.27 -10.68 21.43
N THR A 223 -13.06 -11.57 20.46
CA THR A 223 -13.08 -13.01 20.68
C THR A 223 -11.82 -13.62 20.07
N ASP A 224 -11.71 -14.96 20.20
CA ASP A 224 -10.59 -15.69 19.60
C ASP A 224 -10.59 -15.58 18.09
N PHE A 225 -11.69 -15.14 17.50
CA PHE A 225 -11.73 -14.91 16.06
C PHE A 225 -10.67 -13.90 15.62
N ALA A 226 -10.20 -13.05 16.53
CA ALA A 226 -9.12 -12.13 16.20
C ALA A 226 -7.86 -12.87 15.78
N TYR A 227 -7.64 -14.09 16.30
CA TYR A 227 -6.47 -14.86 15.89
C TYR A 227 -6.49 -15.17 14.41
N LEU A 228 -7.68 -15.40 13.85
CA LEU A 228 -7.78 -15.65 12.41
C LEU A 228 -7.36 -14.40 11.63
N TYR A 229 -7.74 -13.22 12.11
CA TYR A 229 -7.29 -11.99 11.47
C TYR A 229 -5.78 -11.91 11.45
N SER A 230 -5.14 -12.24 12.58
CA SER A 230 -3.69 -12.28 12.61
C SER A 230 -3.15 -13.28 11.59
N ASP A 231 -3.74 -14.50 11.57
CA ASP A 231 -3.31 -15.51 10.60
C ASP A 231 -3.43 -15.02 9.17
N LEU A 232 -4.58 -14.42 8.83
CA LEU A 232 -4.73 -13.90 7.47
C LEU A 232 -3.74 -12.79 7.21
N ASP A 233 -3.56 -11.90 8.19
CA ASP A 233 -2.64 -10.78 8.02
C ASP A 233 -1.21 -11.27 7.75
N LYS A 234 -0.74 -12.30 8.48
CA LYS A 234 0.57 -12.88 8.17
C LYS A 234 0.65 -13.32 6.71
N GLY A 235 -0.48 -13.77 6.15
CA GLY A 235 -0.48 -14.21 4.76
C GLY A 235 -0.27 -13.10 3.77
N PHE A 236 -0.44 -11.84 4.18
CA PHE A 236 -0.31 -10.67 3.31
C PHE A 236 1.16 -10.28 3.31
N THR A 237 1.92 -10.88 2.39
CA THR A 237 3.37 -10.72 2.37
C THR A 237 3.88 -10.77 0.93
N PRO A 238 4.96 -10.02 0.62
CA PRO A 238 5.52 -10.06 -0.75
C PRO A 238 6.09 -11.40 -1.16
N ILE A 239 6.27 -12.32 -0.21
CA ILE A 239 6.70 -13.67 -0.58
C ILE A 239 5.72 -14.29 -1.57
N ASN A 240 4.46 -13.85 -1.54
CA ASN A 240 3.46 -14.38 -2.47
C ASN A 240 3.81 -14.11 -3.93
N PHE A 241 4.60 -13.07 -4.21
CA PHE A 241 5.06 -12.81 -5.58
C PHE A 241 5.72 -14.05 -6.18
N VAL A 242 6.47 -14.80 -5.38
CA VAL A 242 7.24 -15.94 -5.88
C VAL A 242 6.69 -17.27 -5.35
N PHE A 243 6.23 -17.32 -4.10
CA PHE A 243 5.68 -18.54 -3.51
C PHE A 243 4.27 -18.27 -2.95
N PRO A 244 3.27 -18.17 -3.84
CA PRO A 244 1.90 -17.94 -3.34
C PRO A 244 1.32 -19.10 -2.56
N ASN A 245 1.76 -20.34 -2.83
CA ASN A 245 1.21 -21.52 -2.18
C ASN A 245 2.34 -22.51 -1.94
N LEU A 246 2.53 -22.88 -0.67
CA LEU A 246 3.48 -23.90 -0.28
C LEU A 246 2.82 -24.77 0.79
N PRO A 247 3.21 -26.04 0.89
CA PRO A 247 2.64 -26.92 1.92
C PRO A 247 3.28 -26.70 3.30
N LEU A 248 3.11 -25.48 3.82
CA LEU A 248 3.62 -25.10 5.13
C LEU A 248 2.46 -24.56 5.97
N GLU A 249 2.65 -24.57 7.29
CA GLU A 249 1.59 -24.13 8.20
C GLU A 249 1.24 -22.66 8.00
N HIS A 250 2.21 -21.85 7.55
CA HIS A 250 1.92 -20.45 7.23
C HIS A 250 0.76 -20.34 6.25
N TYR A 251 0.81 -21.11 5.16
CA TYR A 251 -0.18 -21.06 4.10
C TYR A 251 -1.50 -21.71 4.49
N ARG A 252 -1.45 -22.80 5.28
CA ARG A 252 -2.68 -23.41 5.71
C ARG A 252 -3.41 -22.55 6.74
N LYS A 253 -2.67 -21.88 7.63
CA LYS A 253 -3.31 -20.94 8.54
C LYS A 253 -3.92 -19.78 7.78
N ARG A 254 -3.19 -19.25 6.79
CA ARG A 254 -3.73 -18.18 5.95
C ARG A 254 -5.01 -18.63 5.24
N ASP A 255 -4.95 -19.76 4.51
CA ASP A 255 -6.11 -20.21 3.74
C ASP A 255 -7.29 -20.50 4.65
N HIS A 256 -7.03 -21.15 5.79
CA HIS A 256 -8.08 -21.40 6.75
C HIS A 256 -8.71 -20.10 7.24
N ALA A 257 -7.88 -19.10 7.52
CA ALA A 257 -8.40 -17.81 7.98
C ALA A 257 -9.25 -17.13 6.91
N GLN A 258 -8.79 -17.17 5.65
CA GLN A 258 -9.58 -16.59 4.57
C GLN A 258 -10.95 -17.24 4.48
N LYS A 259 -10.98 -18.57 4.58
CA LYS A 259 -12.26 -19.27 4.57
C LYS A 259 -13.11 -18.88 5.77
N ALA A 260 -12.50 -18.82 6.96
CA ALA A 260 -13.31 -18.57 8.15
C ALA A 260 -13.76 -17.12 8.23
N ILE A 261 -12.89 -16.18 7.83
CA ILE A 261 -13.26 -14.76 7.88
C ILE A 261 -14.32 -14.47 6.83
N SER A 262 -14.10 -14.91 5.59
CA SER A 262 -15.14 -14.71 4.57
C SER A 262 -16.43 -15.44 4.95
N GLY A 263 -16.30 -16.60 5.62
CA GLY A 263 -17.49 -17.30 6.10
C GLY A 263 -18.26 -16.48 7.12
N THR A 264 -17.54 -15.76 7.99
CA THR A 264 -18.22 -14.88 8.94
C THR A 264 -18.94 -13.75 8.22
N TYR A 265 -18.29 -13.15 7.21
CA TYR A 265 -18.94 -12.09 6.46
C TYR A 265 -20.19 -12.61 5.74
N MET A 266 -20.08 -13.76 5.09
CA MET A 266 -21.22 -14.35 4.40
C MET A 266 -22.35 -14.69 5.37
N SER A 267 -22.02 -15.15 6.58
CA SER A 267 -23.06 -15.47 7.56
C SER A 267 -23.88 -14.23 7.88
N LEU A 268 -23.19 -13.10 8.12
CA LEU A 268 -23.86 -11.84 8.38
C LEU A 268 -24.68 -11.41 7.18
N ILE A 269 -24.10 -11.51 5.99
CA ILE A 269 -24.81 -11.12 4.76
C ILE A 269 -26.08 -11.95 4.61
N LYS A 270 -25.95 -13.27 4.72
CA LYS A 270 -27.12 -14.12 4.50
C LYS A 270 -28.15 -13.94 5.61
N GLU A 271 -27.69 -13.61 6.82
CA GLU A 271 -28.62 -13.37 7.92
C GLU A 271 -29.36 -12.05 7.74
N ARG A 272 -28.67 -11.01 7.28
CA ARG A 272 -29.34 -9.75 6.99
C ARG A 272 -30.36 -9.91 5.87
N ARG A 273 -30.01 -10.70 4.85
CA ARG A 273 -30.94 -10.90 3.75
C ARG A 273 -32.17 -11.68 4.21
N LYS A 274 -31.93 -12.77 4.96
CA LYS A 274 -32.99 -13.56 5.58
C LYS A 274 -34.01 -12.68 6.32
N ASN A 275 -33.52 -11.77 7.18
CA ASN A 275 -34.38 -10.94 8.00
C ASN A 275 -34.80 -9.65 7.30
N ASN A 276 -34.40 -9.47 6.04
CA ASN A 276 -34.55 -8.21 5.32
C ASN A 276 -34.09 -7.03 6.19
N ASP A 277 -32.97 -7.22 6.88
CA ASP A 277 -32.37 -6.17 7.69
C ASP A 277 -31.17 -5.60 6.93
N ILE A 278 -31.47 -4.82 5.90
CA ILE A 278 -30.46 -4.22 5.03
C ILE A 278 -30.65 -2.72 5.08
N GLN A 279 -29.77 -2.03 5.81
CA GLN A 279 -29.87 -0.57 5.98
C GLN A 279 -28.76 0.17 5.25
N ASP A 280 -28.24 1.21 5.91
CA ASP A 280 -27.10 1.98 5.45
C ASP A 280 -26.09 2.12 6.58
N ARG A 281 -25.80 1.00 7.26
CA ARG A 281 -24.96 1.03 8.45
C ARG A 281 -23.47 0.99 8.12
N ASP A 282 -23.08 0.25 7.10
CA ASP A 282 -21.68 -0.10 6.88
C ASP A 282 -21.49 -0.49 5.41
N LEU A 283 -20.27 -0.91 5.08
CA LEU A 283 -19.97 -1.31 3.70
C LEU A 283 -20.66 -2.62 3.34
N ILE A 284 -20.95 -3.46 4.32
CA ILE A 284 -21.66 -4.70 4.03
C ILE A 284 -23.07 -4.41 3.52
N ASP A 285 -23.82 -3.59 4.27
CA ASP A 285 -25.12 -3.10 3.79
C ASP A 285 -25.01 -2.54 2.38
N SER A 286 -24.02 -1.67 2.15
CA SER A 286 -23.89 -0.99 0.86
C SER A 286 -23.64 -1.99 -0.26
N LEU A 287 -22.72 -2.95 -0.06
CA LEU A 287 -22.47 -3.94 -1.09
C LEU A 287 -23.66 -4.88 -1.28
N MET A 288 -24.44 -5.12 -0.22
CA MET A 288 -25.62 -5.97 -0.39
C MET A 288 -26.64 -5.29 -1.31
N LYS A 289 -26.75 -3.96 -1.25
CA LYS A 289 -27.69 -3.23 -2.11
C LYS A 289 -27.10 -2.86 -3.46
N ASN A 290 -25.77 -2.85 -3.60
CA ASN A 290 -25.13 -2.25 -4.76
C ASN A 290 -23.94 -3.14 -5.14
N SER A 291 -24.22 -4.24 -5.82
CA SER A 291 -23.14 -5.10 -6.27
C SER A 291 -23.54 -5.88 -7.52
N THR A 292 -24.30 -5.25 -8.40
CA THR A 292 -24.66 -5.82 -9.69
C THR A 292 -23.86 -5.12 -10.77
N TYR A 293 -23.07 -5.90 -11.52
CA TYR A 293 -22.28 -5.37 -12.61
C TYR A 293 -23.18 -4.86 -13.75
N LYS A 294 -22.55 -4.16 -14.69
CA LYS A 294 -23.31 -3.50 -15.74
C LYS A 294 -23.82 -4.47 -16.80
N ASP A 295 -23.34 -5.72 -16.80
CA ASP A 295 -23.92 -6.79 -17.61
C ASP A 295 -24.97 -7.60 -16.85
N GLY A 296 -25.41 -7.13 -15.69
CA GLY A 296 -26.43 -7.82 -14.91
C GLY A 296 -25.95 -8.96 -14.04
N VAL A 297 -24.68 -9.36 -14.13
CA VAL A 297 -24.18 -10.38 -13.22
C VAL A 297 -24.04 -9.79 -11.82
N LYS A 298 -24.49 -10.55 -10.81
CA LYS A 298 -24.36 -10.10 -9.42
C LYS A 298 -23.13 -10.72 -8.78
N MET A 299 -22.46 -9.95 -7.91
CA MET A 299 -21.41 -10.58 -7.10
C MET A 299 -22.02 -11.65 -6.20
N THR A 300 -21.35 -12.79 -6.12
CA THR A 300 -21.79 -13.78 -5.14
C THR A 300 -21.47 -13.29 -3.74
N ASP A 301 -22.13 -13.90 -2.75
CA ASP A 301 -21.82 -13.55 -1.37
C ASP A 301 -20.36 -13.83 -1.06
N GLN A 302 -19.80 -14.90 -1.61
CA GLN A 302 -18.38 -15.15 -1.45
C GLN A 302 -17.55 -14.00 -2.04
N GLU A 303 -17.93 -13.50 -3.22
CA GLU A 303 -17.15 -12.42 -3.81
C GLU A 303 -17.30 -11.13 -3.01
N ILE A 304 -18.50 -10.84 -2.49
CA ILE A 304 -18.65 -9.68 -1.62
C ILE A 304 -17.72 -9.80 -0.42
N ALA A 305 -17.72 -10.96 0.24
CA ALA A 305 -16.85 -11.15 1.40
C ALA A 305 -15.38 -11.00 1.02
N ASN A 306 -14.99 -11.54 -0.14
CA ASN A 306 -13.58 -11.45 -0.55
C ASN A 306 -13.18 -10.01 -0.84
N LEU A 307 -14.10 -9.22 -1.43
CA LEU A 307 -13.82 -7.81 -1.67
C LEU A 307 -13.66 -7.04 -0.35
N LEU A 308 -14.52 -7.35 0.63
CA LEU A 308 -14.40 -6.75 1.95
C LEU A 308 -13.04 -7.05 2.56
N ILE A 309 -12.56 -8.31 2.43
CA ILE A 309 -11.24 -8.67 2.92
C ILE A 309 -10.17 -7.82 2.24
N GLY A 310 -10.24 -7.74 0.90
CA GLY A 310 -9.20 -7.01 0.17
C GLY A 310 -9.15 -5.54 0.54
N VAL A 311 -10.33 -4.89 0.60
CA VAL A 311 -10.44 -3.47 0.96
C VAL A 311 -9.90 -3.23 2.37
N LEU A 312 -10.36 -4.04 3.33
CA LEU A 312 -9.95 -3.85 4.72
C LEU A 312 -8.46 -4.13 4.89
N MET A 313 -7.95 -5.14 4.17
CA MET A 313 -6.55 -5.51 4.31
C MET A 313 -5.63 -4.48 3.66
N GLY A 314 -5.97 -4.00 2.46
CA GLY A 314 -5.17 -2.93 1.86
C GLY A 314 -5.16 -1.68 2.71
N GLY A 315 -6.35 -1.25 3.15
CA GLY A 315 -6.43 -0.08 4.00
C GLY A 315 -5.74 -0.29 5.34
N GLN A 316 -5.70 -1.54 5.81
CA GLN A 316 -5.03 -1.86 7.07
C GLN A 316 -3.55 -1.51 7.01
N HIS A 317 -2.85 -2.01 6.00
CA HIS A 317 -1.40 -1.88 6.04
C HIS A 317 -0.96 -0.46 5.70
N THR A 318 -1.59 0.17 4.71
CA THR A 318 -1.22 1.55 4.39
C THR A 318 -1.52 2.49 5.56
N SER A 319 -2.70 2.34 6.18
CA SER A 319 -3.05 3.30 7.22
C SER A 319 -2.24 3.08 8.48
N ALA A 320 -2.08 1.81 8.90
CA ALA A 320 -1.30 1.52 10.11
C ALA A 320 0.13 2.01 9.99
N ALA A 321 0.76 1.78 8.84
CA ALA A 321 2.11 2.30 8.65
C ALA A 321 2.12 3.81 8.75
N THR A 322 1.11 4.46 8.16
CA THR A 322 1.13 5.92 8.09
C THR A 322 0.96 6.53 9.46
N SER A 323 0.03 6.01 10.29
CA SER A 323 -0.08 6.60 11.62
C SER A 323 1.14 6.27 12.46
N ALA A 324 1.79 5.12 12.23
CA ALA A 324 3.07 4.87 12.89
C ALA A 324 4.09 5.94 12.54
N TRP A 325 4.22 6.26 11.24
CA TRP A 325 5.18 7.30 10.83
C TRP A 325 4.81 8.67 11.39
N ILE A 326 3.51 9.00 11.44
CA ILE A 326 3.11 10.28 12.01
C ILE A 326 3.60 10.39 13.44
N LEU A 327 3.31 9.38 14.26
CA LEU A 327 3.72 9.39 15.66
C LEU A 327 5.25 9.48 15.77
N LEU A 328 5.96 8.74 14.91
CA LEU A 328 7.41 8.72 15.01
C LEU A 328 8.01 10.07 14.62
N HIS A 329 7.50 10.70 13.56
CA HIS A 329 8.01 12.02 13.21
C HIS A 329 7.66 13.04 14.29
N LEU A 330 6.45 12.95 14.84
CA LEU A 330 6.09 13.93 15.87
C LEU A 330 6.82 13.71 17.18
N ALA A 331 7.30 12.48 17.44
CA ALA A 331 7.98 12.19 18.71
C ALA A 331 9.20 13.08 18.93
N GLU A 332 9.90 13.46 17.87
CA GLU A 332 11.03 14.38 18.01
C GLU A 332 10.66 15.80 17.63
N ARG A 333 9.37 16.10 17.51
CA ARG A 333 8.90 17.45 17.12
C ARG A 333 7.84 17.92 18.09
N PRO A 334 8.22 18.23 19.34
CA PRO A 334 7.24 18.82 20.27
C PRO A 334 6.73 20.17 19.82
N ASP A 335 7.43 20.84 18.89
CA ASP A 335 6.92 22.07 18.31
C ASP A 335 5.73 21.81 17.40
N VAL A 336 5.79 20.73 16.61
CA VAL A 336 4.64 20.36 15.79
C VAL A 336 3.49 19.87 16.67
N GLN A 337 3.79 19.10 17.73
CA GLN A 337 2.74 18.71 18.66
C GLN A 337 2.03 19.94 19.23
N GLN A 338 2.82 20.96 19.59
CA GLN A 338 2.25 22.15 20.18
C GLN A 338 1.36 22.89 19.18
N GLU A 339 1.85 23.07 17.95
CA GLU A 339 1.06 23.71 16.89
C GLU A 339 -0.25 22.97 16.65
N LEU A 340 -0.16 21.65 16.53
CA LEU A 340 -1.36 20.86 16.30
C LEU A 340 -2.32 20.99 17.46
N TYR A 341 -1.79 20.99 18.69
CA TYR A 341 -2.64 21.15 19.86
C TYR A 341 -3.38 22.49 19.85
N GLU A 342 -2.69 23.57 19.47
CA GLU A 342 -3.37 24.87 19.42
C GLU A 342 -4.50 24.85 18.40
N GLU A 343 -4.27 24.20 17.26
CA GLU A 343 -5.32 24.11 16.25
C GLU A 343 -6.51 23.31 16.78
N GLN A 344 -6.24 22.22 17.51
CA GLN A 344 -7.32 21.46 18.14
C GLN A 344 -8.14 22.36 19.09
N MET A 345 -7.45 23.16 19.92
CA MET A 345 -8.14 24.01 20.89
C MET A 345 -8.95 25.09 20.21
N ARG A 346 -8.43 25.65 19.12
CA ARG A 346 -9.17 26.70 18.42
C ARG A 346 -10.38 26.12 17.71
N VAL A 347 -10.17 25.06 16.92
CA VAL A 347 -11.28 24.52 16.12
C VAL A 347 -12.34 23.89 17.02
N LEU A 348 -11.94 23.20 18.08
CA LEU A 348 -12.90 22.51 18.94
C LEU A 348 -13.24 23.30 20.19
N ASP A 349 -13.04 24.61 20.18
CA ASP A 349 -13.44 25.49 21.27
C ASP A 349 -12.92 24.98 22.61
N GLY A 350 -11.61 24.74 22.67
CA GLY A 350 -11.00 24.25 23.89
C GLY A 350 -11.41 22.85 24.28
N GLY A 351 -11.98 22.08 23.35
CA GLY A 351 -12.45 20.74 23.65
C GLY A 351 -13.92 20.67 23.99
N LYS A 352 -14.63 21.79 24.02
CA LYS A 352 -16.05 21.77 24.32
C LYS A 352 -16.90 21.43 23.10
N LYS A 353 -16.32 21.39 21.91
CA LYS A 353 -17.01 20.94 20.70
C LYS A 353 -16.63 19.50 20.41
N GLU A 354 -17.63 18.68 20.09
CA GLU A 354 -17.33 17.32 19.69
C GLU A 354 -16.76 17.31 18.28
N LEU A 355 -15.77 16.45 18.05
CA LEU A 355 -15.19 16.30 16.73
C LEU A 355 -16.23 15.76 15.76
N THR A 356 -16.34 16.37 14.60
CA THR A 356 -17.21 15.92 13.52
C THR A 356 -16.38 15.93 12.24
N TYR A 357 -16.91 15.27 11.21
CA TYR A 357 -16.22 15.28 9.92
C TYR A 357 -16.05 16.71 9.40
N ASP A 358 -17.07 17.55 9.53
CA ASP A 358 -16.96 18.93 9.07
C ASP A 358 -15.82 19.67 9.76
N LEU A 359 -15.70 19.48 11.07
CA LEU A 359 -14.64 20.17 11.82
C LEU A 359 -13.26 19.64 11.45
N LEU A 360 -13.14 18.34 11.16
CA LEU A 360 -11.89 17.81 10.62
C LEU A 360 -11.43 18.60 9.41
N GLN A 361 -12.37 19.02 8.55
CA GLN A 361 -11.99 19.82 7.39
C GLN A 361 -11.52 21.22 7.77
N GLU A 362 -11.74 21.65 9.01
CA GLU A 362 -11.25 22.92 9.49
C GLU A 362 -9.95 22.78 10.27
N MET A 363 -9.22 21.67 10.09
CA MET A 363 -7.95 21.44 10.77
C MET A 363 -6.86 21.28 9.72
N PRO A 364 -6.47 22.37 9.05
CA PRO A 364 -5.48 22.22 7.98
C PRO A 364 -4.13 21.70 8.46
N LEU A 365 -3.63 22.14 9.62
CA LEU A 365 -2.31 21.69 10.03
C LEU A 365 -2.31 20.19 10.28
N LEU A 366 -3.37 19.68 10.91
CA LEU A 366 -3.52 18.23 11.08
C LEU A 366 -3.47 17.53 9.73
N ASN A 367 -4.23 18.04 8.76
CA ASN A 367 -4.24 17.37 7.45
C ASN A 367 -2.91 17.52 6.73
N GLN A 368 -2.22 18.65 6.92
CA GLN A 368 -0.88 18.83 6.36
C GLN A 368 0.12 17.87 6.97
N THR A 369 -0.06 17.52 8.25
CA THR A 369 0.84 16.55 8.88
C THR A 369 0.67 15.16 8.25
N ILE A 370 -0.57 14.75 7.99
CA ILE A 370 -0.81 13.52 7.23
C ILE A 370 -0.16 13.62 5.85
N LYS A 371 -0.42 14.73 5.16
CA LYS A 371 0.10 14.92 3.80
C LYS A 371 1.62 14.81 3.76
N GLU A 372 2.29 15.45 4.73
CA GLU A 372 3.75 15.45 4.76
C GLU A 372 4.29 14.07 5.10
N THR A 373 3.62 13.36 6.01
CA THR A 373 4.03 11.99 6.32
C THR A 373 3.94 11.11 5.09
N LEU A 374 2.85 11.25 4.32
CA LEU A 374 2.72 10.47 3.10
C LEU A 374 3.73 10.90 2.04
N ARG A 375 4.18 12.15 2.06
CA ARG A 375 5.28 12.51 1.16
C ARG A 375 6.53 11.74 1.54
N MET A 376 6.93 11.82 2.80
CA MET A 376 8.17 11.20 3.21
C MET A 376 8.08 9.69 3.31
N HIS A 377 6.85 9.13 3.45
CA HIS A 377 6.66 7.69 3.62
C HIS A 377 5.50 7.22 2.74
N HIS A 378 5.72 7.26 1.43
CA HIS A 378 4.80 6.55 0.53
C HIS A 378 4.76 5.09 0.94
N PRO A 379 3.60 4.54 1.32
CA PRO A 379 3.56 3.13 1.75
C PRO A 379 3.98 2.17 0.67
N LEU A 380 3.79 2.54 -0.59
CA LEU A 380 3.98 1.65 -1.72
C LEU A 380 5.09 2.24 -2.59
N HIS A 381 6.31 1.73 -2.44
CA HIS A 381 7.43 2.37 -3.11
C HIS A 381 7.48 2.06 -4.60
N SER A 382 6.85 0.98 -5.04
CA SER A 382 6.89 0.55 -6.44
C SER A 382 5.52 0.01 -6.83
N LEU A 383 4.94 0.61 -7.87
CA LEU A 383 3.73 0.06 -8.48
C LEU A 383 4.10 -0.48 -9.85
N PHE A 384 3.55 -1.65 -10.19
CA PHE A 384 3.95 -2.40 -11.37
C PHE A 384 2.76 -2.62 -12.31
N ARG A 385 3.09 -2.83 -13.58
CA ARG A 385 2.16 -3.35 -14.57
C ARG A 385 2.96 -4.29 -15.46
N LYS A 386 2.32 -5.37 -15.90
CA LYS A 386 2.91 -6.16 -16.96
C LYS A 386 2.61 -5.53 -18.30
N VAL A 387 3.62 -5.48 -19.17
CA VAL A 387 3.44 -4.91 -20.51
C VAL A 387 2.82 -5.97 -21.40
N MET A 388 1.67 -5.62 -22.01
CA MET A 388 0.88 -6.55 -22.80
C MET A 388 1.03 -6.33 -24.30
N LYS A 389 1.36 -5.11 -24.72
CA LYS A 389 1.69 -4.77 -26.10
C LYS A 389 2.94 -3.90 -26.10
N ASP A 390 3.75 -4.02 -27.15
CA ASP A 390 4.93 -3.17 -27.29
C ASP A 390 4.56 -1.71 -27.11
N MET A 391 5.32 -1.00 -26.27
CA MET A 391 5.04 0.39 -25.94
C MET A 391 6.21 1.26 -26.38
N HIS A 392 5.91 2.29 -27.15
CA HIS A 392 6.91 3.27 -27.53
C HIS A 392 6.96 4.39 -26.50
N VAL A 393 8.15 4.66 -25.98
CA VAL A 393 8.34 5.74 -25.01
C VAL A 393 8.44 7.05 -25.77
N PRO A 394 7.50 7.99 -25.60
CA PRO A 394 7.54 9.22 -26.39
C PRO A 394 8.81 10.01 -26.17
N ASN A 395 9.19 10.79 -27.18
CA ASN A 395 10.41 11.59 -27.21
C ASN A 395 11.67 10.76 -27.05
N THR A 396 11.57 9.45 -27.26
CA THR A 396 12.72 8.56 -27.26
C THR A 396 12.60 7.63 -28.45
N SER A 397 13.65 6.84 -28.66
CA SER A 397 13.60 5.73 -29.58
C SER A 397 13.21 4.43 -28.89
N TYR A 398 12.88 4.49 -27.60
CA TYR A 398 12.66 3.28 -26.81
C TYR A 398 11.34 2.62 -27.16
N VAL A 399 11.37 1.30 -27.27
CA VAL A 399 10.18 0.46 -27.34
C VAL A 399 10.27 -0.54 -26.20
N ILE A 400 9.25 -0.55 -25.34
CA ILE A 400 9.17 -1.51 -24.24
C ILE A 400 8.34 -2.69 -24.73
N PRO A 401 8.95 -3.86 -24.94
CA PRO A 401 8.21 -4.97 -25.54
C PRO A 401 7.28 -5.66 -24.56
N ALA A 402 6.23 -6.27 -25.11
CA ALA A 402 5.37 -7.13 -24.32
C ALA A 402 6.21 -8.16 -23.60
N GLY A 403 5.81 -8.49 -22.37
CA GLY A 403 6.56 -9.39 -21.53
C GLY A 403 7.42 -8.68 -20.50
N TYR A 404 7.83 -7.44 -20.79
CA TYR A 404 8.42 -6.61 -19.76
C TYR A 404 7.38 -6.21 -18.74
N HIS A 405 7.85 -5.58 -17.67
CA HIS A 405 7.01 -4.87 -16.73
C HIS A 405 7.45 -3.42 -16.69
N VAL A 406 6.52 -2.52 -16.42
CA VAL A 406 6.85 -1.12 -16.16
C VAL A 406 6.65 -0.88 -14.68
N LEU A 407 7.54 -0.08 -14.09
CA LEU A 407 7.54 0.21 -12.67
C LEU A 407 7.52 1.72 -12.50
N VAL A 408 6.56 2.23 -11.74
CA VAL A 408 6.48 3.64 -11.42
C VAL A 408 6.68 3.80 -9.92
N SER A 409 7.34 4.88 -9.51
CA SER A 409 7.66 5.13 -8.10
C SER A 409 7.45 6.59 -7.75
N PRO A 410 6.20 7.02 -7.59
CA PRO A 410 5.97 8.38 -7.08
C PRO A 410 6.68 8.64 -5.75
N GLY A 411 6.79 7.62 -4.88
CA GLY A 411 7.47 7.82 -3.60
C GLY A 411 8.94 8.22 -3.75
N TYR A 412 9.57 7.83 -4.85
CA TYR A 412 10.95 8.27 -5.08
C TYR A 412 10.98 9.78 -5.33
N THR A 413 10.09 10.26 -6.20
CA THR A 413 10.05 11.69 -6.50
C THR A 413 9.62 12.52 -5.30
N HIS A 414 8.78 11.97 -4.41
CA HIS A 414 8.42 12.64 -3.16
C HIS A 414 9.66 13.06 -2.38
N LEU A 415 10.76 12.33 -2.54
CA LEU A 415 11.99 12.55 -1.79
C LEU A 415 13.08 13.23 -2.63
N ARG A 416 12.72 13.90 -3.72
CA ARG A 416 13.69 14.61 -4.56
C ARG A 416 13.65 16.09 -4.25
N ASP A 417 14.83 16.66 -3.96
CA ASP A 417 14.93 18.09 -3.64
C ASP A 417 14.38 18.99 -4.74
N GLU A 418 14.53 18.59 -6.00
CA GLU A 418 14.06 19.41 -7.12
C GLU A 418 12.57 19.68 -7.05
N TYR A 419 11.80 18.73 -6.50
CA TYR A 419 10.36 18.93 -6.39
C TYR A 419 9.91 19.26 -4.97
N PHE A 420 10.70 18.92 -3.96
CA PHE A 420 10.34 19.20 -2.57
C PHE A 420 11.61 19.64 -1.88
N PRO A 421 11.90 20.94 -1.88
CA PRO A 421 13.16 21.43 -1.31
C PRO A 421 13.41 20.87 0.08
N ASN A 422 14.66 20.48 0.34
CA ASN A 422 15.03 19.84 1.59
C ASN A 422 14.12 18.63 1.86
N ALA A 423 14.08 17.72 0.88
CA ALA A 423 13.07 16.67 0.86
C ALA A 423 13.17 15.72 2.05
N HIS A 424 14.32 15.64 2.70
CA HIS A 424 14.41 14.75 3.85
C HIS A 424 14.13 15.46 5.17
N GLN A 425 13.66 16.72 5.10
CA GLN A 425 13.16 17.42 6.27
C GLN A 425 11.64 17.26 6.36
N PHE A 426 11.17 16.86 7.53
CA PHE A 426 9.74 16.83 7.83
C PHE A 426 9.29 18.27 8.11
N ASN A 427 8.47 18.83 7.22
CA ASN A 427 8.01 20.22 7.38
C ASN A 427 6.55 20.25 6.92
N ILE A 428 5.62 20.30 7.88
CA ILE A 428 4.22 20.29 7.50
C ILE A 428 3.84 21.59 6.81
N HIS A 429 4.63 22.66 7.00
CA HIS A 429 4.29 23.96 6.42
C HIS A 429 4.67 24.06 4.96
N ARG A 430 5.33 23.06 4.38
CA ARG A 430 5.42 23.09 2.93
C ARG A 430 4.04 23.00 2.27
N TRP A 431 3.00 22.59 3.02
CA TRP A 431 1.65 22.44 2.50
C TRP A 431 0.70 23.55 2.93
N ASN A 432 1.22 24.69 3.41
CA ASN A 432 0.37 25.83 3.73
C ASN A 432 -0.48 26.20 2.52
N ASN A 433 -1.76 26.51 2.76
CA ASN A 433 -2.78 26.65 1.71
C ASN A 433 -2.66 25.61 0.59
N ASP A 434 -2.28 24.39 0.96
CA ASP A 434 -2.30 23.25 0.06
C ASP A 434 -2.48 21.99 0.91
N SER A 435 -3.52 22.00 1.75
CA SER A 435 -3.70 20.98 2.78
C SER A 435 -4.71 19.90 2.37
N ALA A 436 -5.25 19.97 1.15
CA ALA A 436 -6.12 18.91 0.70
C ALA A 436 -5.32 17.61 0.54
N SER A 437 -6.00 16.48 0.73
CA SER A 437 -5.34 15.19 0.55
C SER A 437 -4.76 15.06 -0.86
N SER A 438 -5.45 15.64 -1.84
CA SER A 438 -5.04 15.73 -3.24
C SER A 438 -5.93 16.78 -3.88
N TYR A 439 -5.51 17.29 -5.04
CA TYR A 439 -6.26 18.38 -5.67
C TYR A 439 -6.18 18.22 -7.19
N SER A 440 -7.20 17.59 -7.78
CA SER A 440 -7.37 17.56 -9.23
C SER A 440 -7.54 18.99 -9.75
N VAL A 441 -6.59 19.46 -10.55
CA VAL A 441 -6.60 20.86 -10.95
C VAL A 441 -7.39 21.12 -12.23
N GLY A 442 -7.39 20.19 -13.20
CA GLY A 442 -8.06 20.46 -14.46
C GLY A 442 -9.00 19.40 -15.01
N GLU A 443 -8.67 18.86 -16.19
CA GLU A 443 -9.54 17.92 -16.88
C GLU A 443 -9.69 16.63 -16.08
N GLU A 444 -10.89 16.05 -16.12
CA GLU A 444 -11.22 14.84 -15.39
C GLU A 444 -11.72 13.75 -16.32
N VAL A 445 -11.66 12.51 -15.82
CA VAL A 445 -12.01 11.33 -16.60
C VAL A 445 -12.61 10.30 -15.64
N ASP A 446 -13.53 9.49 -16.14
CA ASP A 446 -14.21 8.49 -15.33
C ASP A 446 -13.92 7.12 -15.93
N TYR A 447 -13.13 6.29 -15.20
CA TYR A 447 -12.84 4.93 -15.63
C TYR A 447 -13.92 3.94 -15.23
N GLY A 448 -14.96 4.39 -14.54
CA GLY A 448 -15.97 3.47 -14.04
C GLY A 448 -16.28 3.68 -12.57
N PHE A 449 -15.43 4.39 -11.83
CA PHE A 449 -15.66 4.60 -10.40
C PHE A 449 -15.71 6.08 -10.04
N GLY A 450 -16.03 6.94 -10.99
CA GLY A 450 -16.12 8.36 -10.67
C GLY A 450 -15.04 9.17 -11.37
N ALA A 451 -15.33 10.46 -11.52
CA ALA A 451 -14.41 11.36 -12.19
C ALA A 451 -13.16 11.57 -11.35
N ILE A 452 -11.99 11.35 -11.95
CA ILE A 452 -10.73 11.63 -11.29
C ILE A 452 -9.88 12.43 -12.27
N SER A 453 -8.75 12.93 -11.77
CA SER A 453 -7.84 13.74 -12.56
C SER A 453 -7.34 12.99 -13.78
N LYS A 454 -7.44 13.62 -14.96
CA LYS A 454 -6.91 13.02 -16.17
C LYS A 454 -5.39 13.01 -16.17
N GLY A 455 -4.76 14.12 -15.77
CA GLY A 455 -3.31 14.16 -15.70
C GLY A 455 -2.81 13.54 -14.39
N VAL A 456 -1.67 12.88 -14.48
CA VAL A 456 -1.06 12.30 -13.29
C VAL A 456 0.38 12.75 -13.18
N SER A 457 0.70 13.91 -13.72
CA SER A 457 2.08 14.41 -13.71
C SER A 457 2.47 15.08 -12.41
N SER A 458 1.59 15.18 -11.43
CA SER A 458 2.00 15.76 -10.17
C SER A 458 3.21 15.00 -9.60
N PRO A 459 4.21 15.70 -9.03
CA PRO A 459 5.31 14.95 -8.39
C PRO A 459 4.89 14.29 -7.10
N TYR A 460 3.77 14.72 -6.52
CA TYR A 460 3.20 14.13 -5.31
C TYR A 460 2.03 13.25 -5.72
N LEU A 461 2.19 11.92 -5.62
CA LEU A 461 1.11 10.98 -5.94
C LEU A 461 1.05 9.87 -4.89
N PRO A 462 0.72 10.21 -3.65
CA PRO A 462 0.57 9.17 -2.62
C PRO A 462 -0.53 8.15 -2.92
N PHE A 463 -1.55 8.52 -3.72
CA PHE A 463 -2.67 7.61 -4.01
C PHE A 463 -2.69 7.13 -5.45
N GLY A 464 -1.57 7.29 -6.17
CA GLY A 464 -1.51 6.84 -7.55
C GLY A 464 -2.32 7.74 -8.47
N GLY A 465 -2.75 7.17 -9.59
CA GLY A 465 -3.59 7.89 -10.52
C GLY A 465 -3.98 7.01 -11.68
N GLY A 466 -4.86 7.54 -12.52
CA GLY A 466 -5.34 6.69 -13.59
C GLY A 466 -6.31 5.64 -13.09
N ARG A 467 -6.53 4.62 -13.93
CA ARG A 467 -7.62 3.69 -13.66
C ARG A 467 -7.44 2.91 -12.37
N HIS A 468 -6.20 2.75 -11.89
CA HIS A 468 -5.91 1.98 -10.69
C HIS A 468 -5.81 2.85 -9.44
N ARG A 469 -6.20 4.12 -9.54
CA ARG A 469 -6.07 5.07 -8.44
C ARG A 469 -6.79 4.58 -7.19
N CYS A 470 -6.21 4.92 -6.04
CA CYS A 470 -6.82 4.61 -4.76
C CYS A 470 -8.21 5.22 -4.65
N ILE A 471 -9.15 4.46 -4.09
CA ILE A 471 -10.44 5.02 -3.73
C ILE A 471 -10.58 5.22 -2.23
N GLY A 472 -9.51 4.93 -1.46
CA GLY A 472 -9.57 4.99 -0.02
C GLY A 472 -8.99 6.25 0.58
N GLU A 473 -8.60 7.21 -0.27
CA GLU A 473 -7.94 8.42 0.22
C GLU A 473 -8.77 9.16 1.26
N HIS A 474 -10.06 9.38 0.97
CA HIS A 474 -10.85 10.15 1.93
C HIS A 474 -11.16 9.35 3.19
N PHE A 475 -11.31 8.02 3.08
CA PHE A 475 -11.44 7.24 4.30
C PHE A 475 -10.16 7.30 5.13
N ALA A 476 -9.02 7.12 4.48
CA ALA A 476 -7.75 7.17 5.19
C ALA A 476 -7.57 8.50 5.92
N TYR A 477 -7.87 9.62 5.25
CA TYR A 477 -7.74 10.92 5.92
C TYR A 477 -8.74 11.06 7.06
N CYS A 478 -9.94 10.51 6.89
CA CYS A 478 -10.92 10.55 7.98
C CYS A 478 -10.40 9.77 9.18
N GLN A 479 -10.00 8.52 8.93
CA GLN A 479 -9.51 7.65 9.99
C GLN A 479 -8.27 8.21 10.65
N LEU A 480 -7.27 8.61 9.85
CA LEU A 480 -6.05 9.19 10.40
C LEU A 480 -6.33 10.51 11.11
N GLY A 481 -7.23 11.32 10.56
CA GLY A 481 -7.55 12.59 11.17
C GLY A 481 -8.17 12.46 12.54
N VAL A 482 -9.18 11.58 12.66
CA VAL A 482 -9.79 11.35 13.97
C VAL A 482 -8.75 10.82 14.93
N LEU A 483 -8.00 9.79 14.51
CA LEU A 483 -7.04 9.16 15.40
C LEU A 483 -5.99 10.16 15.88
N MET A 484 -5.43 10.96 14.97
CA MET A 484 -4.40 11.92 15.41
C MET A 484 -5.00 13.08 16.19
N SER A 485 -6.20 13.52 15.83
CA SER A 485 -6.87 14.55 16.63
C SER A 485 -6.95 14.15 18.09
N ILE A 486 -7.35 12.90 18.34
CA ILE A 486 -7.51 12.43 19.71
C ILE A 486 -6.16 12.19 20.37
N PHE A 487 -5.20 11.61 19.64
CA PHE A 487 -3.85 11.48 20.15
C PHE A 487 -3.30 12.83 20.63
N ILE A 488 -3.40 13.85 19.77
CA ILE A 488 -2.87 15.19 20.08
C ILE A 488 -3.57 15.77 21.29
N ARG A 489 -4.89 15.66 21.35
CA ARG A 489 -5.63 16.25 22.46
C ARG A 489 -5.40 15.53 23.77
N THR A 490 -5.02 14.25 23.72
CA THR A 490 -4.98 13.41 24.91
C THR A 490 -3.59 13.22 25.45
N LEU A 491 -2.59 13.14 24.56
CA LEU A 491 -1.25 12.73 24.91
C LEU A 491 -0.20 13.68 24.34
N LYS A 492 0.94 13.73 25.01
CA LYS A 492 2.21 14.16 24.43
C LYS A 492 3.08 12.92 24.32
N TRP A 493 4.08 12.96 23.44
CA TRP A 493 4.95 11.79 23.36
C TRP A 493 6.33 12.20 22.84
N HIS A 494 7.34 11.39 23.17
CA HIS A 494 8.73 11.64 22.80
C HIS A 494 9.47 10.32 22.67
N TYR A 495 10.77 10.41 22.27
CA TYR A 495 11.59 9.21 22.12
C TYR A 495 12.31 8.85 23.42
N PRO A 496 12.56 7.56 23.64
CA PRO A 496 13.59 7.18 24.60
C PRO A 496 14.90 7.85 24.25
N GLU A 497 15.75 8.06 25.25
CA GLU A 497 16.97 8.82 25.06
C GLU A 497 17.81 8.19 23.95
N GLY A 498 18.32 9.03 23.05
CA GLY A 498 19.19 8.61 21.97
C GLY A 498 18.53 7.96 20.77
N LYS A 499 17.20 7.86 20.73
CA LYS A 499 16.49 7.29 19.59
C LYS A 499 15.92 8.38 18.70
N THR A 500 15.75 8.06 17.41
CA THR A 500 15.19 9.00 16.45
C THR A 500 14.30 8.22 15.47
N VAL A 501 13.89 8.88 14.39
CA VAL A 501 13.00 8.23 13.41
C VAL A 501 13.73 7.06 12.77
N PRO A 502 13.18 5.84 12.78
CA PRO A 502 13.88 4.69 12.19
C PRO A 502 13.85 4.74 10.66
N PRO A 503 14.72 4.00 9.99
CA PRO A 503 14.64 3.90 8.53
C PRO A 503 13.50 2.97 8.13
N PRO A 504 12.98 3.09 6.91
CA PRO A 504 11.90 2.20 6.48
C PRO A 504 12.41 0.81 6.20
N ASP A 505 11.51 -0.17 6.34
CA ASP A 505 11.72 -1.53 5.84
C ASP A 505 11.07 -1.60 4.46
N PHE A 506 11.89 -1.65 3.42
CA PHE A 506 11.42 -1.65 2.03
C PHE A 506 11.08 -3.04 1.50
N THR A 507 11.28 -4.09 2.30
CA THR A 507 10.95 -5.46 1.90
C THR A 507 9.60 -5.93 2.41
N SER A 508 8.97 -5.17 3.29
CA SER A 508 7.67 -5.51 3.83
C SER A 508 6.56 -5.15 2.83
N MET A 509 5.33 -5.49 3.21
CA MET A 509 4.17 -5.26 2.36
C MET A 509 3.94 -3.76 2.09
N VAL A 510 4.25 -2.92 3.08
CA VAL A 510 4.35 -1.46 2.89
C VAL A 510 5.66 -1.01 3.54
N THR A 511 6.04 0.24 3.28
CA THR A 511 7.34 0.74 3.76
C THR A 511 7.28 1.15 5.24
N LEU A 512 6.86 0.21 6.08
CA LEU A 512 6.67 0.46 7.50
C LEU A 512 8.01 0.70 8.20
N PRO A 513 7.98 1.29 9.41
CA PRO A 513 9.26 1.55 10.11
C PRO A 513 9.93 0.27 10.57
N THR A 514 11.25 0.23 10.43
CA THR A 514 12.01 -0.90 10.99
C THR A 514 11.92 -0.84 12.50
N GLY A 515 11.63 -1.97 13.12
CA GLY A 515 11.31 -2.00 14.53
C GLY A 515 12.42 -2.55 15.40
N PRO A 516 12.21 -2.51 16.73
CA PRO A 516 11.04 -1.96 17.43
C PRO A 516 11.12 -0.43 17.47
N ALA A 517 10.03 0.23 17.13
CA ALA A 517 9.99 1.69 17.01
C ALA A 517 9.18 2.21 18.20
N LYS A 518 9.87 2.58 19.27
CA LYS A 518 9.21 2.85 20.54
C LYS A 518 9.10 4.34 20.80
N ILE A 519 7.96 4.76 21.35
CA ILE A 519 7.79 6.13 21.81
C ILE A 519 7.27 6.07 23.24
N ILE A 520 7.45 7.17 23.95
CA ILE A 520 7.01 7.30 25.34
C ILE A 520 5.89 8.32 25.37
N TRP A 521 4.73 7.93 25.86
CA TRP A 521 3.60 8.83 25.91
C TRP A 521 3.36 9.27 27.35
N GLU A 522 2.66 10.38 27.49
CA GLU A 522 2.20 10.84 28.80
C GLU A 522 0.89 11.57 28.60
N LYS A 523 -0.02 11.40 29.55
CA LYS A 523 -1.30 12.10 29.46
C LYS A 523 -1.08 13.60 29.61
N ARG A 524 -1.74 14.38 28.73
CA ARG A 524 -1.75 15.82 28.93
C ARG A 524 -2.50 16.18 30.20
N ASN A 525 -3.54 15.40 30.52
CA ASN A 525 -4.35 15.59 31.72
C ASN A 525 -4.36 14.27 32.49
N PRO A 526 -3.41 14.09 33.42
CA PRO A 526 -3.31 12.80 34.12
C PRO A 526 -4.60 12.39 34.81
N GLU A 527 -5.44 13.34 35.21
CA GLU A 527 -6.68 13.05 35.89
C GLU A 527 -7.83 12.73 34.93
N GLN A 528 -7.62 12.89 33.62
CA GLN A 528 -8.70 12.62 32.68
C GLN A 528 -9.08 11.14 32.73
N LYS A 529 -10.38 10.89 32.79
CA LYS A 529 -10.89 9.52 32.81
C LYS A 529 -11.68 9.26 31.54
N ILE A 530 -11.59 8.02 31.05
CA ILE A 530 -12.38 7.55 29.92
C ILE A 530 -13.45 6.61 30.46
N GLY A 531 -14.71 6.98 30.26
CA GLY A 531 -15.83 6.23 30.80
C GLY A 531 -16.12 4.98 29.98
N GLY A 532 -17.28 4.39 30.27
CA GLY A 532 -17.73 3.18 29.58
C GLY A 532 -17.39 1.90 30.31
#